data_5UJD
#
_entry.id   5UJD
#
_cell.length_a   78.760
_cell.length_b   111.390
_cell.length_c   67.690
_cell.angle_alpha   90.000
_cell.angle_beta   90.000
_cell.angle_gamma   90.000
#
_symmetry.space_group_name_H-M   'P 21 21 2'
#
loop_
_entity.id
_entity.type
_entity.pdbx_description
1 polymer 'Siderophore biosynthesis protein SbnI'
2 non-polymer 'FORMIC ACID'
3 water water
#
_entity_poly.entity_id   1
_entity_poly.type   'polypeptide(L)'
_entity_poly.pdbx_seq_one_letter_code
;GSMKQIYDTLQLIPVDKIDLHEAFEPSRLEKTKESIAKEQHLRHPVLVVKTLFGRYMVIDGVHRFMSLKALGCEVIPVQV
IQRTQYSIGSWHHKIPNGAWCEGLTDEELLPWTTEVRDETPFITMCDQQTEHYLYVADLTVDKLDIWKKVVNSYSASCNV
ERVPHSACLCLDSNDILMKYQPLQIGEIEAVVQRGQTVPAGVTRFNIAGRCLNLQVPLHLLKNSNLGNQEQWHTFLQKKI
ESMRCYTEKIYLIEAE
;
_entity_poly.pdbx_strand_id   A,B
#
loop_
_chem_comp.id
_chem_comp.type
_chem_comp.name
_chem_comp.formula
FMT non-polymer 'FORMIC ACID' 'C H2 O2'
#
# COMPACT_ATOMS: atom_id res chain seq x y z
N MET A 3 -3.18 -9.00 12.02
CA MET A 3 -4.65 -9.23 11.96
C MET A 3 -4.91 -10.66 11.48
N LYS A 4 -5.19 -11.55 12.43
CA LYS A 4 -5.36 -12.98 12.11
C LYS A 4 -6.40 -13.23 11.05
N GLN A 5 -7.35 -12.30 10.87
CA GLN A 5 -8.34 -12.44 9.81
C GLN A 5 -7.67 -12.60 8.46
N ILE A 6 -6.49 -11.98 8.28
CA ILE A 6 -5.76 -12.13 7.02
C ILE A 6 -4.97 -13.43 7.01
N TYR A 7 -4.37 -13.81 8.14
CA TYR A 7 -3.68 -15.09 8.23
C TYR A 7 -4.59 -16.23 7.79
N ASP A 8 -5.86 -16.20 8.20
CA ASP A 8 -6.76 -17.31 7.89
C ASP A 8 -7.15 -17.37 6.41
N THR A 9 -6.93 -16.29 5.65
CA THR A 9 -7.27 -16.33 4.23
C THR A 9 -6.09 -16.73 3.35
N LEU A 10 -4.90 -16.89 3.92
CA LEU A 10 -3.72 -17.34 3.18
C LEU A 10 -3.66 -18.86 3.27
N GLN A 11 -3.86 -19.54 2.14
CA GLN A 11 -4.01 -20.99 2.14
C GLN A 11 -3.19 -21.60 1.01
N LEU A 12 -2.83 -22.87 1.17
CA LEU A 12 -2.23 -23.67 0.12
C LEU A 12 -3.31 -24.56 -0.48
N ILE A 13 -3.61 -24.38 -1.76
CA ILE A 13 -4.75 -25.01 -2.41
C ILE A 13 -4.22 -25.96 -3.48
N PRO A 14 -4.73 -27.19 -3.57
CA PRO A 14 -4.29 -28.09 -4.65
C PRO A 14 -4.47 -27.41 -6.01
N VAL A 15 -3.45 -27.56 -6.86
CA VAL A 15 -3.44 -26.83 -8.12
C VAL A 15 -4.61 -27.24 -9.01
N ASP A 16 -5.09 -28.48 -8.88
CA ASP A 16 -6.18 -28.95 -9.72
C ASP A 16 -7.55 -28.46 -9.27
N LYS A 17 -7.63 -27.75 -8.15
CA LYS A 17 -8.90 -27.19 -7.68
C LYS A 17 -9.07 -25.72 -8.03
N ILE A 18 -8.18 -25.17 -8.84
CA ILE A 18 -8.18 -23.74 -9.16
C ILE A 18 -8.45 -23.60 -10.66
N ASP A 19 -9.41 -22.74 -10.99
CA ASP A 19 -9.79 -22.48 -12.37
C ASP A 19 -9.47 -21.05 -12.75
N LEU A 20 -9.22 -20.84 -14.04
CA LEU A 20 -9.12 -19.53 -14.64
C LEU A 20 -10.45 -19.14 -15.28
N HIS A 21 -10.74 -17.83 -15.25
CA HIS A 21 -11.84 -17.30 -16.04
C HIS A 21 -11.37 -16.57 -17.29
N GLU A 22 -10.07 -16.59 -17.58
CA GLU A 22 -9.53 -15.78 -18.65
C GLU A 22 -8.38 -16.53 -19.32
N ALA A 23 -8.10 -16.15 -20.57
CA ALA A 23 -6.90 -16.62 -21.22
C ALA A 23 -5.69 -15.90 -20.62
N PHE A 24 -4.50 -16.36 -20.98
CA PHE A 24 -3.27 -15.75 -20.54
C PHE A 24 -2.36 -15.53 -21.73
N GLU A 25 -1.40 -14.62 -21.58
CA GLU A 25 -0.46 -14.30 -22.64
C GLU A 25 0.82 -15.10 -22.43
N PRO A 26 1.11 -16.12 -23.25
CA PRO A 26 2.22 -17.03 -22.93
C PRO A 26 3.57 -16.35 -22.80
N SER A 27 3.77 -15.22 -23.47
CA SER A 27 5.03 -14.48 -23.35
C SER A 27 5.23 -14.00 -21.93
N ARG A 28 4.24 -13.28 -21.40
CA ARG A 28 4.28 -12.85 -20.01
C ARG A 28 4.38 -14.04 -19.07
N LEU A 29 3.68 -15.13 -19.38
CA LEU A 29 3.79 -16.33 -18.56
C LEU A 29 5.25 -16.78 -18.48
N GLU A 30 5.95 -16.78 -19.60
CA GLU A 30 7.32 -17.29 -19.60
C GLU A 30 8.26 -16.35 -18.85
N LYS A 31 8.06 -15.03 -18.96
CA LYS A 31 8.94 -14.14 -18.21
C LYS A 31 8.68 -14.25 -16.70
N THR A 32 7.41 -14.26 -16.29
CA THR A 32 7.08 -14.43 -14.88
C THR A 32 7.65 -15.75 -14.36
N LYS A 33 7.56 -16.80 -15.17
CA LYS A 33 8.04 -18.12 -14.76
C LYS A 33 9.55 -18.12 -14.59
N GLU A 34 10.28 -17.51 -15.53
CA GLU A 34 11.71 -17.34 -15.37
C GLU A 34 12.03 -16.63 -14.06
N SER A 35 11.29 -15.56 -13.76
CA SER A 35 11.58 -14.80 -12.54
C SER A 35 11.35 -15.64 -11.29
N ILE A 36 10.24 -16.39 -11.24
CA ILE A 36 9.96 -17.22 -10.08
C ILE A 36 11.05 -18.29 -9.93
N ALA A 37 11.44 -18.92 -11.03
CA ALA A 37 12.46 -19.96 -10.95
C ALA A 37 13.79 -19.39 -10.48
N LYS A 38 14.14 -18.19 -10.94
CA LYS A 38 15.38 -17.56 -10.53
C LYS A 38 15.36 -17.24 -9.04
N GLU A 39 14.27 -16.61 -8.57
CA GLU A 39 14.19 -16.20 -7.19
C GLU A 39 13.87 -17.34 -6.25
N GLN A 40 13.28 -18.42 -6.75
CA GLN A 40 12.83 -19.55 -5.93
C GLN A 40 11.85 -19.06 -4.85
N HIS A 41 11.01 -18.09 -5.24
N HIS A 41 11.01 -18.09 -5.22
CA HIS A 41 10.00 -17.53 -4.36
CA HIS A 41 9.93 -17.70 -4.33
C HIS A 41 8.85 -17.03 -5.22
C HIS A 41 8.87 -16.98 -5.14
N LEU A 42 7.63 -17.11 -4.66
CA LEU A 42 6.49 -16.42 -5.23
C LEU A 42 6.27 -15.16 -4.41
N ARG A 43 6.42 -14.00 -5.03
CA ARG A 43 6.40 -12.75 -4.28
C ARG A 43 5.03 -12.51 -3.65
N HIS A 44 3.97 -12.60 -4.45
CA HIS A 44 2.62 -12.31 -3.97
C HIS A 44 1.72 -13.53 -4.12
N PRO A 45 0.85 -13.79 -3.16
CA PRO A 45 -0.12 -14.88 -3.34
C PRO A 45 -1.04 -14.62 -4.53
N VAL A 46 -1.54 -15.68 -5.14
CA VAL A 46 -2.53 -15.48 -6.19
C VAL A 46 -3.87 -15.23 -5.51
N LEU A 47 -4.66 -14.35 -6.10
CA LEU A 47 -5.91 -13.90 -5.50
C LEU A 47 -7.05 -14.68 -6.12
N VAL A 48 -7.82 -15.36 -5.25
CA VAL A 48 -8.88 -16.27 -5.67
C VAL A 48 -10.15 -15.98 -4.89
N VAL A 49 -11.26 -16.50 -5.42
CA VAL A 49 -12.54 -16.51 -4.73
C VAL A 49 -13.06 -17.93 -4.76
N LYS A 50 -13.83 -18.31 -3.73
CA LYS A 50 -14.47 -19.62 -3.73
C LYS A 50 -15.57 -19.67 -4.79
N THR A 51 -15.70 -20.82 -5.46
CA THR A 51 -16.80 -21.04 -6.39
C THR A 51 -17.69 -22.19 -5.90
N LEU A 52 -17.69 -23.31 -6.63
CA LEU A 52 -18.51 -24.47 -6.32
C LEU A 52 -17.65 -25.72 -6.38
N PHE A 53 -18.15 -26.81 -5.81
CA PHE A 53 -17.45 -28.09 -5.82
C PHE A 53 -16.14 -28.02 -5.06
N GLY A 54 -16.05 -27.10 -4.10
CA GLY A 54 -14.81 -26.89 -3.36
C GLY A 54 -13.70 -26.34 -4.23
N ARG A 55 -14.04 -25.60 -5.28
CA ARG A 55 -13.05 -25.06 -6.20
C ARG A 55 -12.79 -23.58 -5.93
N TYR A 56 -11.86 -23.03 -6.69
CA TYR A 56 -11.44 -21.64 -6.55
C TYR A 56 -11.20 -21.07 -7.94
N MET A 57 -11.42 -19.77 -8.06
CA MET A 57 -11.24 -19.07 -9.32
C MET A 57 -10.24 -17.95 -9.11
N VAL A 58 -9.20 -17.93 -9.94
CA VAL A 58 -8.26 -16.84 -9.87
C VAL A 58 -8.98 -15.56 -10.27
N ILE A 59 -8.82 -14.51 -9.46
CA ILE A 59 -9.26 -13.19 -9.86
C ILE A 59 -8.08 -12.25 -10.08
N ASP A 60 -6.91 -12.56 -9.54
CA ASP A 60 -5.72 -11.82 -9.96
C ASP A 60 -4.50 -12.71 -9.77
N GLY A 61 -3.54 -12.58 -10.67
CA GLY A 61 -2.34 -13.40 -10.65
C GLY A 61 -2.36 -14.59 -11.57
N VAL A 62 -3.02 -14.49 -12.72
CA VAL A 62 -3.15 -15.66 -13.59
C VAL A 62 -1.78 -16.11 -14.10
N HIS A 63 -0.88 -15.16 -14.40
CA HIS A 63 0.43 -15.57 -14.92
C HIS A 63 1.33 -16.15 -13.82
N ARG A 64 1.20 -15.67 -12.59
CA ARG A 64 1.91 -16.31 -11.48
C ARG A 64 1.44 -17.74 -11.32
N PHE A 65 0.12 -17.92 -11.26
CA PHE A 65 -0.46 -19.23 -11.08
C PHE A 65 -0.06 -20.18 -12.19
N MET A 66 -0.13 -19.71 -13.44
CA MET A 66 0.28 -20.54 -14.56
C MET A 66 1.76 -20.87 -14.47
N SER A 67 2.58 -19.92 -14.05
CA SER A 67 4.01 -20.20 -13.90
C SER A 67 4.23 -21.32 -12.88
N LEU A 68 3.51 -21.27 -11.75
CA LEU A 68 3.68 -22.30 -10.73
C LEU A 68 3.18 -23.65 -11.23
N LYS A 69 2.04 -23.68 -11.91
CA LYS A 69 1.56 -24.92 -12.49
C LYS A 69 2.59 -25.48 -13.46
N ALA A 70 3.14 -24.63 -14.32
CA ALA A 70 4.13 -25.06 -15.31
C ALA A 70 5.42 -25.51 -14.64
N LEU A 71 5.76 -24.95 -13.50
CA LEU A 71 6.96 -25.36 -12.76
C LEU A 71 6.76 -26.65 -11.99
N GLY A 72 5.58 -27.26 -12.08
CA GLY A 72 5.33 -28.53 -11.42
C GLY A 72 4.86 -28.43 -9.99
N CYS A 73 4.31 -27.29 -9.57
CA CYS A 73 3.81 -27.16 -8.21
C CYS A 73 2.48 -27.90 -8.07
N GLU A 74 2.30 -28.54 -6.92
CA GLU A 74 1.07 -29.27 -6.65
C GLU A 74 0.10 -28.49 -5.79
N VAL A 75 0.58 -27.48 -5.07
CA VAL A 75 -0.24 -26.57 -4.28
C VAL A 75 0.14 -25.15 -4.64
N ILE A 76 -0.84 -24.25 -4.51
CA ILE A 76 -0.70 -22.85 -4.89
C ILE A 76 -0.94 -22.01 -3.66
N PRO A 77 -0.08 -21.04 -3.33
CA PRO A 77 -0.39 -20.11 -2.24
C PRO A 77 -1.43 -19.12 -2.74
N VAL A 78 -2.58 -19.08 -2.09
CA VAL A 78 -3.64 -18.19 -2.48
C VAL A 78 -4.02 -17.33 -1.30
N GLN A 79 -4.56 -16.16 -1.60
CA GLN A 79 -5.28 -15.35 -0.64
C GLN A 79 -6.74 -15.39 -1.06
N VAL A 80 -7.60 -15.89 -0.17
CA VAL A 80 -9.01 -16.04 -0.49
C VAL A 80 -9.71 -14.70 -0.26
N ILE A 81 -10.32 -14.17 -1.30
CA ILE A 81 -10.92 -12.84 -1.28
C ILE A 81 -12.43 -12.99 -1.13
N GLN A 82 -13.01 -12.25 -0.19
CA GLN A 82 -14.44 -12.19 -0.01
C GLN A 82 -15.06 -11.25 -1.04
N ARG A 83 -16.35 -11.43 -1.29
CA ARG A 83 -17.01 -10.57 -2.27
C ARG A 83 -17.08 -9.12 -1.80
N THR A 84 -17.08 -8.89 -0.49
CA THR A 84 -17.12 -7.54 0.02
C THR A 84 -15.81 -6.79 -0.19
N GLN A 85 -14.73 -7.47 -0.55
CA GLN A 85 -13.41 -6.87 -0.70
C GLN A 85 -13.09 -6.39 -2.10
N TYR A 86 -13.92 -6.68 -3.10
CA TYR A 86 -13.53 -6.36 -4.46
C TYR A 86 -14.72 -5.83 -5.23
N SER A 87 -14.40 -5.11 -6.30
CA SER A 87 -15.35 -4.74 -7.33
C SER A 87 -14.71 -5.07 -8.66
N ILE A 88 -15.52 -5.19 -9.70
CA ILE A 88 -15.08 -5.66 -11.00
C ILE A 88 -15.08 -4.49 -11.97
N GLY A 89 -13.90 -4.16 -12.48
CA GLY A 89 -13.72 -3.24 -13.58
C GLY A 89 -13.01 -3.94 -14.73
N SER A 90 -12.41 -3.17 -15.63
CA SER A 90 -11.77 -3.76 -16.80
C SER A 90 -10.49 -3.00 -17.12
N TRP A 91 -9.66 -3.62 -17.95
CA TRP A 91 -8.50 -2.98 -18.55
C TRP A 91 -8.87 -2.49 -19.96
N HIS A 92 -8.46 -1.27 -20.27
CA HIS A 92 -8.39 -0.82 -21.66
C HIS A 92 -6.98 -1.08 -22.19
N HIS A 93 -6.89 -1.36 -23.49
CA HIS A 93 -5.64 -1.74 -24.11
C HIS A 93 -5.15 -0.60 -24.98
N LYS A 94 -4.13 0.11 -24.50
CA LYS A 94 -3.52 1.16 -25.30
C LYS A 94 -2.40 0.56 -26.14
N ILE A 95 -2.48 0.79 -27.43
CA ILE A 95 -1.58 0.25 -28.44
C ILE A 95 -0.73 1.41 -28.93
N PRO A 96 0.51 1.54 -28.46
CA PRO A 96 1.39 2.60 -28.96
C PRO A 96 1.74 2.38 -30.42
N ASN A 97 1.92 3.49 -31.13
CA ASN A 97 2.20 3.45 -32.56
C ASN A 97 1.24 2.51 -33.26
N GLY A 98 -0.03 2.60 -32.89
CA GLY A 98 -1.02 1.61 -33.28
C GLY A 98 -1.17 1.43 -34.78
N ALA A 99 -0.49 2.23 -35.60
CA ALA A 99 -0.52 2.02 -37.04
C ALA A 99 0.32 0.81 -37.45
N TRP A 100 1.47 0.63 -36.82
CA TRP A 100 2.42 -0.43 -37.17
C TRP A 100 2.04 -1.78 -36.61
N CYS A 101 0.80 -1.93 -36.15
CA CYS A 101 0.35 -3.12 -35.42
C CYS A 101 -0.48 -3.97 -36.36
N GLU A 102 0.18 -4.88 -37.10
CA GLU A 102 -0.42 -5.48 -38.29
C GLU A 102 -1.66 -6.31 -37.99
N GLY A 103 -1.82 -6.81 -36.77
CA GLY A 103 -2.94 -7.71 -36.48
C GLY A 103 -4.30 -7.04 -36.61
N LEU A 104 -4.52 -5.96 -35.88
CA LEU A 104 -5.74 -5.19 -36.01
C LEU A 104 -5.75 -4.31 -37.25
N THR A 105 -4.62 -4.22 -37.97
CA THR A 105 -4.38 -3.10 -38.86
C THR A 105 -5.34 -3.09 -40.04
N ASP A 106 -5.81 -4.26 -40.48
CA ASP A 106 -6.91 -4.30 -41.43
C ASP A 106 -7.71 -5.58 -41.20
N GLU A 107 -8.33 -5.66 -40.01
CA GLU A 107 -9.42 -6.60 -39.76
C GLU A 107 -10.73 -5.86 -39.99
N GLU A 108 -11.03 -5.67 -41.29
CA GLU A 108 -12.10 -4.75 -41.67
C GLU A 108 -13.50 -5.35 -41.45
N LEU A 109 -13.63 -6.67 -41.56
CA LEU A 109 -14.95 -7.25 -41.81
C LEU A 109 -15.94 -6.98 -40.69
N LEU A 110 -15.50 -7.08 -39.43
CA LEU A 110 -16.40 -6.80 -38.33
C LEU A 110 -17.09 -5.46 -38.56
N PRO A 111 -18.44 -5.33 -38.23
CA PRO A 111 -19.20 -4.13 -38.62
C PRO A 111 -18.95 -2.95 -37.69
N TRP A 112 -17.70 -2.50 -37.61
CA TRP A 112 -17.38 -1.27 -36.91
C TRP A 112 -18.26 -0.14 -37.43
N THR A 113 -18.59 0.80 -36.54
CA THR A 113 -19.37 1.96 -36.94
C THR A 113 -19.13 3.10 -35.96
N THR A 114 -18.92 4.29 -36.50
CA THR A 114 -18.86 5.51 -35.68
C THR A 114 -20.22 5.88 -35.11
N GLU A 115 -21.29 5.29 -35.64
CA GLU A 115 -22.64 5.58 -35.19
C GLU A 115 -22.80 5.18 -33.73
N VAL A 116 -23.53 6.01 -32.98
CA VAL A 116 -23.82 5.77 -31.57
C VAL A 116 -25.32 5.51 -31.42
N ARG A 117 -25.65 4.48 -30.66
CA ARG A 117 -27.03 4.16 -30.34
C ARG A 117 -27.15 3.93 -28.84
N ASP A 118 -28.38 4.01 -28.33
CA ASP A 118 -28.58 3.83 -26.89
C ASP A 118 -28.41 2.38 -26.46
N GLU A 119 -28.12 1.47 -27.39
CA GLU A 119 -27.66 0.14 -27.01
C GLU A 119 -26.33 0.28 -26.29
N THR A 120 -25.72 -0.82 -25.89
CA THR A 120 -24.41 -0.76 -25.25
C THR A 120 -23.33 -1.07 -26.28
N PRO A 121 -22.36 -0.18 -26.53
CA PRO A 121 -21.29 -0.54 -27.46
C PRO A 121 -20.37 -1.56 -26.82
N PHE A 122 -20.38 -2.78 -27.34
CA PHE A 122 -19.59 -3.84 -26.74
C PHE A 122 -18.11 -3.46 -26.70
N ILE A 123 -17.52 -3.24 -27.86
CA ILE A 123 -16.13 -2.83 -27.96
C ILE A 123 -16.10 -1.43 -28.53
N THR A 124 -15.09 -0.66 -28.11
CA THR A 124 -14.91 0.68 -28.68
C THR A 124 -13.44 0.83 -29.05
N MET A 125 -13.19 1.27 -30.28
CA MET A 125 -11.84 1.47 -30.79
C MET A 125 -11.61 2.96 -30.96
N CYS A 126 -10.51 3.46 -30.41
CA CYS A 126 -10.25 4.89 -30.29
C CYS A 126 -8.92 5.24 -30.93
N ASP A 127 -8.88 6.36 -31.63
CA ASP A 127 -7.64 7.09 -31.84
C ASP A 127 -7.83 8.50 -31.29
N GLN A 128 -6.80 9.33 -31.43
CA GLN A 128 -6.86 10.68 -30.87
C GLN A 128 -8.10 11.45 -31.34
N GLN A 129 -8.70 11.07 -32.46
CA GLN A 129 -9.80 11.84 -33.06
C GLN A 129 -11.17 11.17 -32.98
N THR A 130 -11.25 9.85 -33.15
CA THR A 130 -12.52 9.20 -33.47
C THR A 130 -12.71 7.96 -32.62
N GLU A 131 -13.94 7.45 -32.62
CA GLU A 131 -14.30 6.23 -31.91
C GLU A 131 -15.20 5.36 -32.79
N HIS A 132 -15.05 4.05 -32.65
CA HIS A 132 -15.83 3.06 -33.39
C HIS A 132 -16.41 2.05 -32.43
N TYR A 133 -17.52 1.44 -32.82
CA TYR A 133 -18.30 0.60 -31.93
C TYR A 133 -18.65 -0.73 -32.59
N LEU A 134 -19.01 -1.71 -31.75
CA LEU A 134 -19.51 -3.01 -32.17
C LEU A 134 -20.71 -3.39 -31.30
N TYR A 135 -21.75 -3.94 -31.94
CA TYR A 135 -22.97 -4.34 -31.24
C TYR A 135 -23.45 -5.66 -31.81
N VAL A 136 -24.13 -6.46 -30.97
CA VAL A 136 -24.63 -7.75 -31.43
C VAL A 136 -25.84 -7.61 -32.33
N ALA A 137 -26.42 -6.42 -32.44
CA ALA A 137 -27.36 -6.16 -33.52
C ALA A 137 -26.71 -6.41 -34.87
N ASP A 138 -25.40 -6.22 -34.96
CA ASP A 138 -24.64 -6.46 -36.18
C ASP A 138 -23.76 -7.69 -36.13
N LEU A 139 -23.47 -8.22 -34.94
CA LEU A 139 -22.50 -9.30 -34.82
C LEU A 139 -23.13 -10.67 -35.07
N THR A 140 -22.43 -11.49 -35.84
CA THR A 140 -22.93 -12.81 -36.17
C THR A 140 -22.62 -13.81 -35.06
N VAL A 141 -21.38 -13.86 -34.58
CA VAL A 141 -21.03 -14.83 -33.56
C VAL A 141 -21.31 -14.23 -32.18
N ASP A 142 -21.17 -15.04 -31.14
CA ASP A 142 -21.55 -14.62 -29.80
C ASP A 142 -20.55 -13.61 -29.23
N LYS A 143 -20.95 -13.01 -28.11
CA LYS A 143 -20.25 -11.83 -27.60
C LYS A 143 -18.77 -12.12 -27.35
N LEU A 144 -18.43 -13.29 -26.82
CA LEU A 144 -17.10 -13.51 -26.26
C LEU A 144 -16.07 -13.93 -27.28
N ASP A 145 -16.49 -14.52 -28.41
CA ASP A 145 -15.51 -14.86 -29.44
C ASP A 145 -15.21 -13.65 -30.33
N ILE A 146 -16.09 -12.65 -30.36
CA ILE A 146 -15.71 -11.35 -30.87
C ILE A 146 -14.54 -10.81 -30.07
N TRP A 147 -14.66 -10.89 -28.74
CA TRP A 147 -13.60 -10.42 -27.87
C TRP A 147 -12.32 -11.17 -28.10
N LYS A 148 -12.37 -12.51 -28.09
CA LYS A 148 -11.18 -13.29 -28.38
C LYS A 148 -10.56 -12.86 -29.70
N LYS A 149 -11.37 -12.78 -30.75
CA LYS A 149 -10.86 -12.40 -32.08
C LYS A 149 -10.13 -11.06 -32.02
N VAL A 150 -10.84 -10.03 -31.54
CA VAL A 150 -10.32 -8.67 -31.54
C VAL A 150 -9.07 -8.57 -30.68
N VAL A 151 -9.18 -8.94 -29.41
CA VAL A 151 -8.04 -8.86 -28.50
C VAL A 151 -6.84 -9.64 -29.06
N ASN A 152 -7.09 -10.87 -29.49
CA ASN A 152 -6.01 -11.74 -29.95
C ASN A 152 -5.38 -11.26 -31.25
N SER A 153 -6.08 -10.42 -32.02
CA SER A 153 -5.50 -9.96 -33.28
C SER A 153 -4.24 -9.12 -33.04
N TYR A 154 -4.23 -8.31 -31.98
CA TYR A 154 -3.10 -7.45 -31.68
C TYR A 154 -2.34 -7.82 -30.41
N SER A 155 -2.94 -8.63 -29.52
CA SER A 155 -2.41 -8.78 -28.17
C SER A 155 -1.01 -9.38 -28.20
N ALA A 156 -0.86 -10.57 -28.79
CA ALA A 156 0.42 -11.25 -28.80
C ALA A 156 1.38 -10.72 -29.85
N SER A 157 0.87 -10.07 -30.90
CA SER A 157 1.73 -9.60 -31.97
C SER A 157 2.18 -8.17 -31.73
N CYS A 158 1.24 -7.26 -31.49
CA CYS A 158 1.54 -5.87 -31.25
C CYS A 158 1.93 -5.64 -29.80
N ASN A 159 2.41 -4.43 -29.54
CA ASN A 159 2.81 -4.02 -28.21
C ASN A 159 1.65 -3.31 -27.52
N VAL A 160 1.31 -3.74 -26.31
CA VAL A 160 0.14 -3.28 -25.59
C VAL A 160 0.56 -2.83 -24.20
N GLU A 161 -0.05 -1.75 -23.73
CA GLU A 161 0.00 -1.36 -22.33
C GLU A 161 -1.43 -1.23 -21.81
N ARG A 162 -1.74 -1.97 -20.75
CA ARG A 162 -3.07 -1.97 -20.17
C ARG A 162 -3.23 -0.81 -19.20
N VAL A 163 -4.37 -0.14 -19.29
CA VAL A 163 -4.67 1.04 -18.47
C VAL A 163 -6.04 0.84 -17.83
N PRO A 164 -6.23 1.15 -16.55
CA PRO A 164 -7.55 0.92 -15.93
C PRO A 164 -8.65 1.70 -16.64
N HIS A 165 -9.82 1.05 -16.76
CA HIS A 165 -10.94 1.65 -17.48
C HIS A 165 -11.46 2.91 -16.81
N SER A 166 -11.15 3.12 -15.53
CA SER A 166 -11.59 4.29 -14.79
C SER A 166 -10.57 5.42 -14.78
N ALA A 167 -9.33 5.15 -15.17
CA ALA A 167 -8.30 6.19 -15.13
C ALA A 167 -8.49 7.19 -16.27
N CYS A 168 -8.03 8.41 -16.03
CA CYS A 168 -8.06 9.45 -17.05
C CYS A 168 -6.89 9.27 -18.00
N LEU A 169 -7.18 9.16 -19.29
CA LEU A 169 -6.14 9.01 -20.30
C LEU A 169 -6.53 9.78 -21.54
N CYS A 170 -5.54 10.47 -22.11
CA CYS A 170 -5.68 11.15 -23.39
C CYS A 170 -4.62 10.58 -24.34
N LEU A 171 -5.01 10.38 -25.59
CA LEU A 171 -4.16 9.68 -26.54
C LEU A 171 -3.33 10.64 -27.38
N ASP A 172 -2.13 10.19 -27.73
CA ASP A 172 -1.38 10.79 -28.83
C ASP A 172 -2.01 10.36 -30.15
N SER A 173 -1.44 10.83 -31.26
CA SER A 173 -1.91 10.42 -32.57
C SER A 173 -1.29 9.10 -33.01
N ASN A 174 -0.34 8.56 -32.26
CA ASN A 174 0.20 7.23 -32.54
C ASN A 174 -0.67 6.14 -31.92
N ASP A 175 -1.40 6.47 -30.85
CA ASP A 175 -2.08 5.48 -30.04
C ASP A 175 -3.36 5.00 -30.69
N ILE A 176 -3.72 3.75 -30.39
CA ILE A 176 -5.09 3.27 -30.51
C ILE A 176 -5.49 2.72 -29.14
N LEU A 177 -6.69 3.06 -28.68
CA LEU A 177 -7.17 2.62 -27.38
C LEU A 177 -8.38 1.69 -27.56
N MET A 178 -8.26 0.46 -27.09
CA MET A 178 -9.35 -0.50 -27.13
C MET A 178 -10.05 -0.48 -25.77
N LYS A 179 -11.36 -0.22 -25.79
CA LYS A 179 -12.15 -0.14 -24.56
C LYS A 179 -13.16 -1.28 -24.52
N TYR A 180 -13.13 -2.02 -23.42
CA TYR A 180 -13.98 -3.17 -23.17
C TYR A 180 -14.78 -2.92 -21.90
N GLN A 181 -16.08 -3.25 -21.92
CA GLN A 181 -16.92 -2.93 -20.77
C GLN A 181 -16.76 -3.98 -19.67
N PRO A 182 -16.69 -3.57 -18.40
CA PRO A 182 -16.55 -4.56 -17.32
C PRO A 182 -17.70 -5.54 -17.29
N LEU A 183 -17.42 -6.73 -16.76
CA LEU A 183 -18.41 -7.78 -16.62
C LEU A 183 -18.93 -7.79 -15.19
N GLN A 184 -20.13 -8.34 -15.01
CA GLN A 184 -20.63 -8.63 -13.68
C GLN A 184 -20.17 -10.01 -13.26
N ILE A 185 -20.11 -10.20 -11.93
CA ILE A 185 -19.57 -11.45 -11.39
C ILE A 185 -20.36 -12.65 -11.90
N GLY A 186 -21.66 -12.48 -12.16
CA GLY A 186 -22.46 -13.60 -12.64
C GLY A 186 -22.06 -14.05 -14.03
N GLU A 187 -21.67 -13.11 -14.89
CA GLU A 187 -21.18 -13.47 -16.22
C GLU A 187 -19.86 -14.24 -16.12
N ILE A 188 -18.94 -13.75 -15.28
CA ILE A 188 -17.67 -14.46 -15.10
C ILE A 188 -17.90 -15.86 -14.57
N GLU A 189 -18.74 -15.98 -13.53
CA GLU A 189 -19.07 -17.27 -12.96
C GLU A 189 -19.63 -18.21 -14.03
N ALA A 190 -20.59 -17.72 -14.83
CA ALA A 190 -21.13 -18.55 -15.89
C ALA A 190 -20.04 -18.98 -16.86
N VAL A 191 -19.14 -18.04 -17.20
CA VAL A 191 -18.05 -18.36 -18.12
C VAL A 191 -17.23 -19.53 -17.58
N VAL A 192 -16.89 -19.49 -16.29
CA VAL A 192 -16.04 -20.54 -15.74
C VAL A 192 -16.82 -21.84 -15.62
N GLN A 193 -18.09 -21.76 -15.23
CA GLN A 193 -18.90 -22.96 -15.06
C GLN A 193 -19.08 -23.69 -16.38
N ARG A 194 -19.14 -22.95 -17.48
CA ARG A 194 -19.20 -23.55 -18.81
C ARG A 194 -17.84 -23.94 -19.34
N GLY A 195 -16.78 -23.80 -18.54
CA GLY A 195 -15.44 -24.13 -19.00
C GLY A 195 -14.88 -23.20 -20.05
N GLN A 196 -15.40 -21.97 -20.14
CA GLN A 196 -14.94 -20.98 -21.08
C GLN A 196 -14.02 -19.98 -20.39
N THR A 197 -13.45 -19.08 -21.20
CA THR A 197 -12.57 -18.04 -20.71
C THR A 197 -12.83 -16.76 -21.49
N VAL A 198 -12.62 -15.62 -20.84
CA VAL A 198 -12.63 -14.34 -21.51
C VAL A 198 -11.21 -14.08 -22.01
N PRO A 199 -11.00 -13.14 -22.94
CA PRO A 199 -9.64 -12.88 -23.41
C PRO A 199 -8.70 -12.52 -22.27
N ALA A 200 -7.41 -12.59 -22.57
CA ALA A 200 -6.39 -12.21 -21.60
C ALA A 200 -6.44 -10.71 -21.34
N GLY A 201 -6.31 -10.34 -20.06
CA GLY A 201 -6.00 -8.98 -19.71
C GLY A 201 -7.11 -7.97 -19.92
N VAL A 202 -8.38 -8.36 -19.74
CA VAL A 202 -9.52 -7.44 -19.88
C VAL A 202 -10.32 -7.29 -18.59
N THR A 203 -10.45 -8.35 -17.80
CA THR A 203 -11.04 -8.22 -16.49
C THR A 203 -10.03 -7.61 -15.54
N ARG A 204 -10.49 -6.67 -14.70
CA ARG A 204 -9.62 -6.01 -13.74
C ARG A 204 -10.35 -5.92 -12.41
N PHE A 205 -9.96 -6.75 -11.45
CA PHE A 205 -10.57 -6.74 -10.13
C PHE A 205 -9.87 -5.71 -9.26
N ASN A 206 -10.67 -4.81 -8.68
CA ASN A 206 -10.18 -3.85 -7.70
C ASN A 206 -10.37 -4.46 -6.31
N ILE A 207 -9.26 -4.80 -5.65
CA ILE A 207 -9.26 -5.64 -4.46
C ILE A 207 -8.71 -4.85 -3.29
N ALA A 208 -9.45 -4.88 -2.18
CA ALA A 208 -9.05 -4.25 -0.94
C ALA A 208 -8.41 -5.30 -0.04
N GLY A 209 -7.29 -4.95 0.57
CA GLY A 209 -6.66 -5.84 1.53
C GLY A 209 -5.78 -6.90 0.92
N ARG A 210 -5.19 -6.63 -0.24
CA ARG A 210 -4.16 -7.49 -0.80
C ARG A 210 -3.04 -7.72 0.20
N CYS A 211 -2.60 -8.96 0.30
CA CYS A 211 -1.38 -9.27 1.04
C CYS A 211 -0.20 -9.28 0.08
N LEU A 212 0.84 -8.51 0.40
CA LEU A 212 1.95 -8.27 -0.51
C LEU A 212 3.27 -8.71 0.08
N ASN A 213 4.12 -9.28 -0.78
CA ASN A 213 5.50 -9.62 -0.46
C ASN A 213 5.56 -10.80 0.50
N LEU A 214 4.73 -11.80 0.25
CA LEU A 214 4.73 -12.99 1.10
C LEU A 214 5.99 -13.81 0.88
N GLN A 215 6.47 -13.84 -0.36
CA GLN A 215 7.71 -14.54 -0.71
C GLN A 215 7.65 -16.01 -0.29
N VAL A 216 6.69 -16.72 -0.86
CA VAL A 216 6.57 -18.15 -0.54
C VAL A 216 7.71 -18.91 -1.20
N PRO A 217 8.51 -19.67 -0.45
CA PRO A 217 9.55 -20.49 -1.09
C PRO A 217 8.95 -21.53 -2.02
N LEU A 218 9.56 -21.66 -3.20
CA LEU A 218 9.05 -22.59 -4.19
C LEU A 218 9.04 -24.03 -3.67
N HIS A 219 10.00 -24.37 -2.81
CA HIS A 219 10.12 -25.75 -2.33
C HIS A 219 8.88 -26.19 -1.57
N LEU A 220 8.22 -25.27 -0.88
CA LEU A 220 7.01 -25.65 -0.15
C LEU A 220 5.87 -26.06 -1.07
N LEU A 221 5.93 -25.70 -2.35
CA LEU A 221 4.81 -25.88 -3.27
C LEU A 221 4.90 -27.16 -4.08
N LYS A 222 5.94 -27.95 -3.89
CA LYS A 222 6.20 -29.06 -4.80
C LYS A 222 5.43 -30.33 -4.42
N ASN A 223 5.22 -30.59 -3.14
CA ASN A 223 4.52 -31.79 -2.70
C ASN A 223 3.30 -31.42 -1.88
N SER A 224 2.27 -32.27 -1.97
CA SER A 224 1.06 -32.15 -1.17
C SER A 224 1.15 -33.17 -0.04
N ASN A 225 1.78 -32.78 1.06
CA ASN A 225 1.81 -33.57 2.28
C ASN A 225 1.51 -32.66 3.45
N LEU A 226 0.71 -33.15 4.40
CA LEU A 226 0.24 -32.29 5.48
C LEU A 226 1.36 -31.90 6.43
N GLY A 227 2.48 -32.65 6.43
CA GLY A 227 3.70 -32.12 6.99
C GLY A 227 4.10 -30.82 6.32
N ASN A 228 4.04 -30.80 4.98
CA ASN A 228 4.23 -29.55 4.24
C ASN A 228 3.28 -28.47 4.73
N GLN A 229 2.10 -28.85 5.21
CA GLN A 229 1.13 -27.88 5.68
C GLN A 229 1.54 -27.32 7.05
N GLU A 230 2.07 -28.17 7.93
CA GLU A 230 2.67 -27.64 9.15
C GLU A 230 3.81 -26.68 8.83
N GLN A 231 4.66 -27.04 7.85
CA GLN A 231 5.72 -26.13 7.42
C GLN A 231 5.14 -24.82 6.92
N TRP A 232 4.05 -24.88 6.17
CA TRP A 232 3.41 -23.68 5.65
C TRP A 232 2.89 -22.80 6.78
N HIS A 233 2.30 -23.41 7.81
CA HIS A 233 1.81 -22.62 8.93
C HIS A 233 2.96 -21.97 9.69
N THR A 234 4.06 -22.70 9.89
CA THR A 234 5.25 -22.10 10.50
C THR A 234 5.74 -20.90 9.70
N PHE A 235 6.02 -21.12 8.40
CA PHE A 235 6.41 -20.04 7.50
C PHE A 235 5.50 -18.83 7.66
N LEU A 236 4.19 -19.06 7.57
CA LEU A 236 3.25 -17.95 7.62
C LEU A 236 3.33 -17.21 8.95
N GLN A 237 3.41 -17.96 10.05
CA GLN A 237 3.51 -17.32 11.36
C GLN A 237 4.76 -16.45 11.44
N LYS A 238 5.86 -16.91 10.84
CA LYS A 238 7.06 -16.07 10.76
C LYS A 238 6.76 -14.79 10.00
N LYS A 239 6.04 -14.87 8.89
CA LYS A 239 5.85 -13.69 8.05
C LYS A 239 4.90 -12.67 8.68
N ILE A 240 3.82 -13.14 9.32
CA ILE A 240 2.79 -12.21 9.78
C ILE A 240 3.38 -11.19 10.76
N GLU A 241 4.39 -11.59 11.54
CA GLU A 241 5.00 -10.68 12.51
C GLU A 241 5.51 -9.41 11.83
N SER A 242 5.86 -9.49 10.56
CA SER A 242 6.35 -8.35 9.80
C SER A 242 5.24 -7.67 9.00
N MET A 243 3.98 -8.00 9.25
CA MET A 243 2.88 -7.47 8.47
C MET A 243 2.46 -6.11 9.01
N ARG A 244 2.40 -5.12 8.13
CA ARG A 244 1.89 -3.81 8.48
C ARG A 244 0.79 -3.44 7.49
N CYS A 245 -0.28 -2.84 8.01
CA CYS A 245 -1.41 -2.43 7.21
C CYS A 245 -1.23 -0.98 6.77
N TYR A 246 -1.47 -0.73 5.48
CA TYR A 246 -1.45 0.62 4.92
C TYR A 246 -2.81 0.90 4.32
N THR A 247 -3.39 2.05 4.67
CA THR A 247 -4.76 2.38 4.26
C THR A 247 -4.82 3.56 3.29
N GLU A 248 -3.68 4.09 2.87
CA GLU A 248 -3.64 5.15 1.88
C GLU A 248 -2.79 4.70 0.70
N LYS A 249 -2.91 5.44 -0.40
CA LYS A 249 -2.10 5.16 -1.58
C LYS A 249 -0.64 5.02 -1.20
N ILE A 250 -0.01 3.97 -1.71
CA ILE A 250 1.42 3.76 -1.51
C ILE A 250 2.07 3.48 -2.87
N TYR A 251 3.37 3.73 -2.92
CA TYR A 251 4.20 3.34 -4.05
C TYR A 251 5.20 2.32 -3.51
N LEU A 252 5.09 1.09 -3.96
CA LEU A 252 5.88 0.00 -3.40
C LEU A 252 6.95 -0.40 -4.38
N ILE A 253 8.19 -0.43 -3.90
CA ILE A 253 9.30 -0.96 -4.67
C ILE A 253 9.26 -2.48 -4.52
N GLU A 254 8.93 -3.18 -5.61
CA GLU A 254 8.82 -4.64 -5.58
C GLU A 254 10.10 -5.26 -6.10
N ALA A 255 11.12 -5.18 -5.24
CA ALA A 255 12.46 -5.68 -5.51
C ALA A 255 13.27 -5.46 -4.24
N GLU A 256 14.40 -6.16 -4.16
CA GLU A 256 15.34 -5.93 -3.06
C GLU A 256 16.60 -6.80 -3.22
N MET B 3 2.76 7.60 -11.40
CA MET B 3 3.33 8.97 -11.21
C MET B 3 4.85 8.92 -11.10
N LYS B 4 5.55 9.63 -12.00
CA LYS B 4 7.00 9.78 -11.88
C LYS B 4 7.40 10.96 -11.01
N GLN B 5 6.44 11.80 -10.57
CA GLN B 5 6.77 12.85 -9.62
C GLN B 5 7.50 12.28 -8.42
N ILE B 6 7.21 11.03 -8.04
CA ILE B 6 7.91 10.41 -6.92
C ILE B 6 9.41 10.59 -7.05
N TYR B 7 9.94 10.40 -8.26
CA TYR B 7 11.39 10.44 -8.43
C TYR B 7 11.96 11.77 -7.94
N ASP B 8 11.26 12.87 -8.23
CA ASP B 8 11.77 14.17 -7.82
C ASP B 8 11.62 14.41 -6.32
N THR B 9 10.73 13.69 -5.64
CA THR B 9 10.49 13.89 -4.22
C THR B 9 11.39 13.04 -3.34
N LEU B 10 12.21 12.15 -3.91
CA LEU B 10 13.10 11.28 -3.15
C LEU B 10 14.50 11.89 -3.24
N GLN B 11 15.03 12.35 -2.10
CA GLN B 11 16.23 13.16 -2.12
C GLN B 11 17.14 12.81 -0.95
N LEU B 12 18.43 13.02 -1.16
CA LEU B 12 19.41 12.95 -0.08
C LEU B 12 19.60 14.36 0.47
N ILE B 13 19.38 14.52 1.77
CA ILE B 13 19.41 15.82 2.43
C ILE B 13 20.48 15.78 3.52
N PRO B 14 21.33 16.81 3.63
CA PRO B 14 22.31 16.82 4.72
C PRO B 14 21.63 16.65 6.08
N VAL B 15 22.28 15.84 6.94
CA VAL B 15 21.64 15.47 8.20
C VAL B 15 21.43 16.69 9.10
N ASP B 16 22.26 17.72 8.95
CA ASP B 16 22.15 18.89 9.83
C ASP B 16 21.08 19.88 9.36
N LYS B 17 20.38 19.59 8.26
CA LYS B 17 19.30 20.44 7.78
C LYS B 17 17.93 19.89 8.13
N ILE B 18 17.87 18.87 8.98
CA ILE B 18 16.62 18.18 9.27
C ILE B 18 16.34 18.32 10.76
N ASP B 19 15.09 18.62 11.10
CA ASP B 19 14.66 18.83 12.47
C ASP B 19 13.51 17.90 12.81
N LEU B 20 13.48 17.42 14.05
CA LEU B 20 12.37 16.67 14.59
C LEU B 20 11.36 17.65 15.20
N HIS B 21 10.08 17.25 15.18
CA HIS B 21 9.05 18.02 15.87
C HIS B 21 8.52 17.34 17.12
N GLU B 22 8.92 16.09 17.38
CA GLU B 22 8.40 15.34 18.51
C GLU B 22 9.52 14.56 19.17
N ALA B 23 9.38 14.33 20.47
CA ALA B 23 10.35 13.53 21.20
C ALA B 23 10.37 12.11 20.64
N PHE B 24 11.50 11.43 20.81
CA PHE B 24 11.65 10.05 20.38
C PHE B 24 11.75 9.14 21.60
N GLU B 25 11.32 7.90 21.42
CA GLU B 25 11.41 6.91 22.49
C GLU B 25 12.71 6.15 22.31
N PRO B 26 13.68 6.25 23.24
CA PRO B 26 14.99 5.63 23.00
C PRO B 26 14.95 4.12 22.95
N SER B 27 14.02 3.50 23.68
CA SER B 27 13.82 2.05 23.58
C SER B 27 13.60 1.65 22.12
N ARG B 28 12.70 2.36 21.44
CA ARG B 28 12.41 2.05 20.04
C ARG B 28 13.58 2.44 19.14
N LEU B 29 14.23 3.57 19.46
CA LEU B 29 15.38 4.00 18.68
C LEU B 29 16.46 2.92 18.65
N GLU B 30 16.64 2.19 19.75
CA GLU B 30 17.72 1.22 19.78
C GLU B 30 17.43 0.02 18.90
N LYS B 31 16.17 -0.41 18.82
CA LYS B 31 15.86 -1.53 17.95
C LYS B 31 15.90 -1.11 16.48
N THR B 32 15.43 0.10 16.17
CA THR B 32 15.55 0.58 14.79
C THR B 32 17.01 0.68 14.38
N LYS B 33 17.84 1.29 15.24
CA LYS B 33 19.26 1.41 14.99
C LYS B 33 19.89 0.04 14.76
N GLU B 34 19.64 -0.88 15.70
CA GLU B 34 20.12 -2.24 15.55
C GLU B 34 19.78 -2.79 14.17
N SER B 35 18.50 -2.76 13.81
CA SER B 35 18.05 -3.37 12.57
C SER B 35 18.75 -2.76 11.36
N ILE B 36 18.81 -1.43 11.32
CA ILE B 36 19.46 -0.77 10.18
C ILE B 36 20.91 -1.21 10.08
N ALA B 37 21.61 -1.31 11.22
CA ALA B 37 23.00 -1.75 11.17
C ALA B 37 23.10 -3.17 10.62
N LYS B 38 22.26 -4.08 11.11
CA LYS B 38 22.29 -5.46 10.61
C LYS B 38 22.09 -5.47 9.09
N GLU B 39 21.03 -4.82 8.62
CA GLU B 39 20.66 -4.92 7.21
C GLU B 39 21.58 -4.10 6.31
N GLN B 40 22.25 -3.08 6.85
CA GLN B 40 23.03 -2.14 6.05
C GLN B 40 22.17 -1.43 5.02
N HIS B 41 20.87 -1.28 5.30
N HIS B 41 20.87 -1.29 5.31
CA HIS B 41 20.01 -0.51 4.42
CA HIS B 41 19.93 -0.62 4.42
C HIS B 41 18.90 0.13 5.22
C HIS B 41 18.89 0.14 5.25
N LEU B 42 18.37 1.23 4.68
CA LEU B 42 17.21 1.89 5.21
C LEU B 42 16.01 1.48 4.36
N ARG B 43 15.06 0.80 4.98
CA ARG B 43 13.96 0.22 4.21
C ARG B 43 13.05 1.31 3.64
N HIS B 44 12.56 2.21 4.48
CA HIS B 44 11.64 3.26 4.04
C HIS B 44 12.29 4.63 4.15
N PRO B 45 12.08 5.51 3.17
CA PRO B 45 12.61 6.86 3.29
C PRO B 45 11.95 7.60 4.45
N VAL B 46 12.72 8.51 5.05
CA VAL B 46 12.18 9.40 6.06
C VAL B 46 11.22 10.37 5.39
N LEU B 47 10.07 10.60 6.02
CA LEU B 47 9.06 11.50 5.48
C LEU B 47 9.18 12.87 6.12
N VAL B 48 9.40 13.89 5.29
CA VAL B 48 9.69 15.25 5.73
C VAL B 48 8.85 16.23 4.92
N VAL B 49 8.69 17.42 5.49
CA VAL B 49 8.16 18.57 4.75
C VAL B 49 9.17 19.69 4.85
N LYS B 50 9.17 20.55 3.83
CA LYS B 50 10.07 21.71 3.82
C LYS B 50 9.59 22.76 4.80
N THR B 51 10.55 23.41 5.48
CA THR B 51 10.21 24.53 6.34
C THR B 51 10.98 25.77 5.86
N LEU B 52 11.65 26.48 6.77
CA LEU B 52 12.36 27.70 6.45
C LEU B 52 13.86 27.48 6.56
N PHE B 53 14.62 28.42 6.00
CA PHE B 53 16.08 28.36 6.03
C PHE B 53 16.60 27.12 5.32
N GLY B 54 15.86 26.63 4.33
CA GLY B 54 16.28 25.44 3.62
C GLY B 54 16.36 24.21 4.50
N ARG B 55 15.58 24.17 5.57
CA ARG B 55 15.56 23.05 6.49
C ARG B 55 14.34 22.17 6.23
N TYR B 56 14.36 20.97 6.80
CA TYR B 56 13.26 20.03 6.65
C TYR B 56 12.84 19.52 8.03
N MET B 57 11.56 19.26 8.17
CA MET B 57 10.99 18.76 9.41
C MET B 57 10.46 17.35 9.19
N VAL B 58 10.91 16.40 10.01
CA VAL B 58 10.42 15.02 9.93
C VAL B 58 8.96 14.97 10.36
N ILE B 59 8.10 14.42 9.49
CA ILE B 59 6.73 14.13 9.88
C ILE B 59 6.49 12.65 10.09
N ASP B 60 7.35 11.77 9.55
CA ASP B 60 7.26 10.37 9.95
C ASP B 60 8.60 9.70 9.73
N GLY B 61 9.03 8.92 10.72
CA GLY B 61 10.31 8.24 10.67
C GLY B 61 11.33 8.83 11.62
N VAL B 62 10.87 9.27 12.79
CA VAL B 62 11.78 9.87 13.76
C VAL B 62 12.90 8.90 14.10
N HIS B 63 12.58 7.63 14.27
CA HIS B 63 13.56 6.67 14.76
C HIS B 63 14.48 6.18 13.65
N ARG B 64 13.97 6.09 12.43
CA ARG B 64 14.86 5.86 11.29
C ARG B 64 15.88 6.99 11.18
N PHE B 65 15.40 8.23 11.27
CA PHE B 65 16.29 9.39 11.13
C PHE B 65 17.34 9.39 12.24
N MET B 66 16.90 9.29 13.49
CA MET B 66 17.84 9.34 14.61
C MET B 66 18.82 8.17 14.53
N SER B 67 18.34 7.00 14.10
CA SER B 67 19.24 5.87 13.88
C SER B 67 20.30 6.21 12.85
N LEU B 68 19.89 6.79 11.71
CA LEU B 68 20.85 7.13 10.67
C LEU B 68 21.88 8.12 11.19
N LYS B 69 21.43 9.15 11.92
CA LYS B 69 22.37 10.12 12.47
C LYS B 69 23.33 9.46 13.45
N ALA B 70 22.81 8.54 14.27
CA ALA B 70 23.67 7.85 15.23
C ALA B 70 24.72 7.00 14.52
N LEU B 71 24.40 6.44 13.36
CA LEU B 71 25.32 5.59 12.63
C LEU B 71 26.37 6.36 11.84
N GLY B 72 26.33 7.68 11.89
CA GLY B 72 27.33 8.49 11.20
C GLY B 72 26.98 8.88 9.79
N CYS B 73 25.70 8.85 9.43
CA CYS B 73 25.30 9.26 8.08
C CYS B 73 25.34 10.78 7.94
N GLU B 74 25.86 11.25 6.80
CA GLU B 74 25.91 12.67 6.50
C GLU B 74 24.73 13.15 5.69
N VAL B 75 23.99 12.24 5.05
CA VAL B 75 22.78 12.61 4.34
C VAL B 75 21.71 11.55 4.59
N ILE B 76 20.48 12.01 4.64
CA ILE B 76 19.32 11.19 4.96
C ILE B 76 18.53 11.02 3.67
N PRO B 77 18.14 9.78 3.32
CA PRO B 77 17.17 9.60 2.24
C PRO B 77 15.78 9.97 2.73
N VAL B 78 15.18 10.95 2.07
CA VAL B 78 13.89 11.47 2.48
C VAL B 78 12.94 11.42 1.30
N GLN B 79 11.66 11.50 1.61
CA GLN B 79 10.61 11.75 0.64
C GLN B 79 9.93 13.04 1.05
N VAL B 80 9.96 14.03 0.16
CA VAL B 80 9.42 15.35 0.47
C VAL B 80 7.91 15.30 0.21
N ILE B 81 7.14 15.43 1.26
CA ILE B 81 5.68 15.42 1.20
C ILE B 81 5.19 16.84 1.03
N GLN B 82 4.25 17.04 0.11
CA GLN B 82 3.61 18.33 -0.09
C GLN B 82 2.33 18.41 0.73
N ARG B 83 1.84 19.62 0.93
CA ARG B 83 0.75 19.83 1.86
C ARG B 83 -0.54 19.19 1.38
N THR B 84 -0.69 19.00 0.07
CA THR B 84 -1.87 18.32 -0.46
C THR B 84 -1.86 16.82 -0.19
N GLN B 85 -0.73 16.26 0.24
CA GLN B 85 -0.60 14.81 0.41
C GLN B 85 -0.94 14.33 1.80
N TYR B 86 -1.05 15.21 2.79
CA TYR B 86 -1.16 14.76 4.16
C TYR B 86 -2.19 15.59 4.91
N SER B 87 -2.76 14.97 5.92
CA SER B 87 -3.56 15.66 6.93
C SER B 87 -2.99 15.35 8.30
N ILE B 88 -3.28 16.22 9.26
CA ILE B 88 -2.73 16.11 10.59
C ILE B 88 -3.87 15.76 11.54
N GLY B 89 -3.74 14.61 12.19
CA GLY B 89 -4.60 14.21 13.28
C GLY B 89 -3.77 13.96 14.52
N SER B 90 -4.35 13.23 15.46
CA SER B 90 -3.69 12.97 16.73
C SER B 90 -3.94 11.53 17.16
N TRP B 91 -3.18 11.11 18.17
CA TRP B 91 -3.42 9.85 18.85
C TRP B 91 -4.07 10.13 20.19
N HIS B 92 -5.15 9.42 20.48
CA HIS B 92 -5.66 9.32 21.83
C HIS B 92 -4.98 8.14 22.51
N HIS B 93 -4.77 8.26 23.82
CA HIS B 93 -4.09 7.24 24.61
C HIS B 93 -5.10 6.55 25.52
N LYS B 94 -5.50 5.34 25.15
CA LYS B 94 -6.41 4.53 25.95
C LYS B 94 -5.61 3.73 26.96
N ILE B 95 -5.96 3.87 28.23
CA ILE B 95 -5.30 3.22 29.35
C ILE B 95 -6.30 2.23 29.93
N PRO B 96 -6.21 0.94 29.60
CA PRO B 96 -7.10 -0.03 30.22
C PRO B 96 -6.87 -0.08 31.73
N ASN B 97 -7.96 -0.19 32.48
CA ASN B 97 -7.89 -0.21 33.93
C ASN B 97 -7.09 0.98 34.46
N GLY B 98 -7.41 2.16 33.94
CA GLY B 98 -6.64 3.35 34.26
C GLY B 98 -6.68 3.71 35.74
N ALA B 99 -7.72 3.28 36.45
CA ALA B 99 -7.78 3.55 37.88
C ALA B 99 -6.56 2.99 38.61
N TRP B 100 -5.95 1.94 38.07
CA TRP B 100 -4.79 1.31 38.68
C TRP B 100 -3.48 1.79 38.06
N CYS B 101 -3.53 2.81 37.21
CA CYS B 101 -2.32 3.46 36.70
C CYS B 101 -1.86 4.44 37.76
N GLU B 102 -0.87 4.05 38.56
CA GLU B 102 -0.45 4.87 39.70
C GLU B 102 0.08 6.23 39.24
N GLY B 103 0.89 6.24 38.17
CA GLY B 103 1.44 7.49 37.68
C GLY B 103 0.40 8.52 37.31
N LEU B 104 -0.82 8.09 36.99
CA LEU B 104 -1.88 9.02 36.60
C LEU B 104 -2.77 9.43 37.75
N THR B 105 -2.85 8.63 38.81
CA THR B 105 -3.79 8.87 39.91
C THR B 105 -3.15 9.70 41.03
N ASP B 106 -1.93 9.35 41.43
CA ASP B 106 -1.26 10.07 42.52
C ASP B 106 -1.08 11.55 42.21
N GLU B 107 -1.31 11.97 40.97
CA GLU B 107 -1.07 13.34 40.54
C GLU B 107 -2.29 14.20 40.88
N GLU B 108 -2.51 14.36 42.19
CA GLU B 108 -3.63 15.15 42.69
C GLU B 108 -3.52 16.64 42.36
N LEU B 109 -2.35 17.11 41.91
CA LEU B 109 -2.12 18.54 41.76
C LEU B 109 -2.94 19.12 40.62
N LEU B 110 -2.91 18.48 39.46
CA LEU B 110 -3.44 19.10 38.25
C LEU B 110 -4.92 19.45 38.43
N PRO B 111 -5.36 20.60 37.93
CA PRO B 111 -6.73 21.06 38.12
C PRO B 111 -7.77 20.38 37.23
N TRP B 112 -7.75 19.04 37.23
CA TRP B 112 -8.76 18.29 36.50
C TRP B 112 -10.15 18.71 36.96
N THR B 113 -11.09 18.72 36.01
CA THR B 113 -12.39 19.35 36.26
C THR B 113 -13.39 18.88 35.23
N THR B 114 -14.62 18.65 35.68
CA THR B 114 -15.71 18.24 34.80
C THR B 114 -16.41 19.43 34.16
N GLU B 115 -16.03 20.65 34.53
CA GLU B 115 -16.67 21.85 34.00
C GLU B 115 -16.44 21.96 32.49
N VAL B 116 -17.53 22.05 31.73
CA VAL B 116 -17.46 22.30 30.30
C VAL B 116 -17.45 23.81 30.09
N ARG B 117 -16.29 24.34 29.69
CA ARG B 117 -16.17 25.75 29.38
C ARG B 117 -16.15 25.96 27.88
N ASP B 118 -16.27 27.23 27.48
CA ASP B 118 -16.24 27.57 26.07
C ASP B 118 -14.83 27.56 25.50
N GLU B 119 -13.80 27.61 26.35
CA GLU B 119 -12.44 27.40 25.88
C GLU B 119 -12.23 25.92 25.57
N THR B 120 -11.36 25.65 24.62
CA THR B 120 -11.01 24.28 24.31
C THR B 120 -9.99 23.77 25.32
N PRO B 121 -10.17 22.57 25.87
CA PRO B 121 -9.23 22.09 26.89
C PRO B 121 -7.91 21.61 26.28
N PHE B 122 -6.84 21.82 27.04
CA PHE B 122 -5.55 21.24 26.70
C PHE B 122 -5.66 19.73 26.53
N ILE B 123 -6.11 19.06 27.59
CA ILE B 123 -6.20 17.62 27.64
C ILE B 123 -7.57 17.27 28.19
N THR B 124 -8.17 16.23 27.63
CA THR B 124 -9.41 15.66 28.13
C THR B 124 -9.13 14.24 28.61
N MET B 125 -9.60 13.91 29.81
CA MET B 125 -9.46 12.56 30.37
C MET B 125 -10.85 11.97 30.57
N CYS B 126 -11.19 10.97 29.77
CA CYS B 126 -12.51 10.37 29.75
C CYS B 126 -12.51 9.03 30.47
N ASP B 127 -13.67 8.67 31.00
CA ASP B 127 -13.96 7.27 31.31
C ASP B 127 -15.34 6.97 30.73
N GLN B 128 -15.96 5.86 31.13
CA GLN B 128 -17.13 5.39 30.38
C GLN B 128 -18.26 6.41 30.39
N GLN B 129 -18.45 7.15 31.49
CA GLN B 129 -19.57 8.09 31.58
C GLN B 129 -19.21 9.47 32.12
N THR B 130 -17.94 9.80 32.32
CA THR B 130 -17.58 11.15 32.75
C THR B 130 -16.25 11.58 32.15
N GLU B 131 -16.11 12.88 31.93
CA GLU B 131 -14.93 13.50 31.36
C GLU B 131 -14.37 14.55 32.32
N HIS B 132 -13.05 14.75 32.23
CA HIS B 132 -12.34 15.79 32.96
C HIS B 132 -11.50 16.57 31.98
N TYR B 133 -11.23 17.83 32.29
CA TYR B 133 -10.50 18.70 31.38
C TYR B 133 -9.40 19.45 32.11
N LEU B 134 -8.42 19.91 31.36
CA LEU B 134 -7.45 20.88 31.86
C LEU B 134 -7.44 22.08 30.92
N TYR B 135 -7.75 23.27 31.46
CA TYR B 135 -7.83 24.48 30.67
C TYR B 135 -6.63 25.39 30.94
N VAL B 136 -6.32 26.24 29.95
CA VAL B 136 -5.26 27.23 30.11
C VAL B 136 -5.45 28.01 31.40
N ALA B 137 -6.69 28.38 31.73
CA ALA B 137 -6.94 29.31 32.81
C ALA B 137 -6.53 28.74 34.16
N ASP B 138 -6.58 27.42 34.31
CA ASP B 138 -6.25 26.77 35.57
C ASP B 138 -4.80 26.31 35.64
N LEU B 139 -4.00 26.56 34.60
CA LEU B 139 -2.66 26.01 34.48
C LEU B 139 -1.66 27.14 34.31
N THR B 140 -0.57 27.10 35.08
CA THR B 140 0.38 28.19 35.10
C THR B 140 1.37 28.15 33.93
N VAL B 141 1.66 26.96 33.39
CA VAL B 141 2.68 26.84 32.34
C VAL B 141 2.05 26.30 31.06
N ASP B 142 2.86 26.17 30.01
CA ASP B 142 2.39 26.09 28.62
C ASP B 142 1.80 24.72 28.29
N LYS B 143 1.03 24.70 27.20
CA LYS B 143 0.40 23.47 26.72
C LYS B 143 1.40 22.33 26.61
N LEU B 144 2.58 22.60 26.07
CA LEU B 144 3.52 21.52 25.76
C LEU B 144 4.13 20.94 27.02
N ASP B 145 4.50 21.79 27.97
CA ASP B 145 5.02 21.29 29.23
C ASP B 145 4.01 20.40 29.92
N ILE B 146 2.72 20.70 29.76
CA ILE B 146 1.67 19.92 30.40
C ILE B 146 1.45 18.61 29.64
N TRP B 147 1.49 18.66 28.31
CA TRP B 147 1.40 17.42 27.54
C TRP B 147 2.53 16.47 27.94
N LYS B 148 3.75 16.98 28.03
CA LYS B 148 4.86 16.10 28.40
C LYS B 148 4.73 15.63 29.83
N LYS B 149 4.27 16.48 30.74
CA LYS B 149 4.12 16.06 32.13
C LYS B 149 3.06 14.97 32.24
N VAL B 150 1.90 15.18 31.64
CA VAL B 150 0.80 14.23 31.73
C VAL B 150 1.14 12.94 31.00
N VAL B 151 1.65 13.04 29.77
CA VAL B 151 1.96 11.84 29.00
C VAL B 151 3.01 11.01 29.72
N ASN B 152 4.05 11.67 30.26
CA ASN B 152 5.11 10.92 30.93
C ASN B 152 4.69 10.39 32.29
N SER B 153 3.59 10.86 32.86
CA SER B 153 3.09 10.30 34.11
C SER B 153 2.63 8.86 33.94
N TYR B 154 2.24 8.46 32.72
CA TYR B 154 1.74 7.12 32.48
C TYR B 154 2.37 6.41 31.28
N SER B 155 3.21 7.09 30.51
CA SER B 155 3.73 6.52 29.27
C SER B 155 4.55 5.26 29.55
N ALA B 156 5.56 5.38 30.41
CA ALA B 156 6.34 4.22 30.80
C ALA B 156 5.72 3.46 31.96
N SER B 157 4.90 4.15 32.78
CA SER B 157 4.37 3.54 33.99
C SER B 157 3.32 2.48 33.68
N CYS B 158 2.45 2.74 32.71
CA CYS B 158 1.23 1.96 32.53
C CYS B 158 1.07 1.58 31.06
N ASN B 159 0.23 0.56 30.83
CA ASN B 159 -0.03 0.09 29.48
C ASN B 159 -0.99 1.05 28.76
N VAL B 160 -0.69 1.31 27.49
CA VAL B 160 -1.38 2.34 26.72
C VAL B 160 -1.56 1.86 25.29
N GLU B 161 -2.79 1.97 24.78
CA GLU B 161 -3.11 1.72 23.39
C GLU B 161 -3.30 3.06 22.69
N ARG B 162 -2.54 3.29 21.62
CA ARG B 162 -2.66 4.51 20.84
C ARG B 162 -3.71 4.32 19.75
N VAL B 163 -4.76 5.14 19.79
CA VAL B 163 -5.93 5.01 18.94
C VAL B 163 -6.05 6.29 18.11
N PRO B 164 -6.28 6.22 16.80
CA PRO B 164 -6.46 7.46 16.02
C PRO B 164 -7.65 8.26 16.53
N HIS B 165 -7.48 9.59 16.55
CA HIS B 165 -8.49 10.46 17.15
C HIS B 165 -9.81 10.41 16.41
N SER B 166 -9.77 10.12 15.10
CA SER B 166 -10.97 9.99 14.30
C SER B 166 -11.58 8.59 14.39
N ALA B 167 -10.85 7.63 14.95
CA ALA B 167 -11.32 6.26 15.01
C ALA B 167 -12.54 6.17 15.92
N CYS B 168 -13.25 5.04 15.78
CA CYS B 168 -14.37 4.73 16.64
C CYS B 168 -13.88 3.94 17.84
N LEU B 169 -14.20 4.41 19.04
CA LEU B 169 -13.78 3.73 20.26
C LEU B 169 -14.84 3.87 21.33
N CYS B 170 -15.26 2.74 21.90
CA CYS B 170 -16.22 2.69 22.99
C CYS B 170 -15.50 2.17 24.22
N LEU B 171 -15.31 3.04 25.20
CA LEU B 171 -14.54 2.69 26.39
C LEU B 171 -15.24 1.60 27.18
N ASP B 172 -14.50 0.54 27.52
CA ASP B 172 -14.98 -0.46 28.45
C ASP B 172 -15.17 0.17 29.82
N SER B 173 -15.68 -0.63 30.77
CA SER B 173 -16.06 -0.09 32.06
C SER B 173 -14.89 0.55 32.79
N ASN B 174 -13.68 0.00 32.61
CA ASN B 174 -12.53 0.41 33.42
C ASN B 174 -11.48 1.18 32.62
N ASP B 175 -11.79 1.56 31.37
CA ASP B 175 -10.85 2.31 30.57
C ASP B 175 -10.75 3.75 31.04
N ILE B 176 -9.61 4.37 30.74
CA ILE B 176 -9.45 5.81 30.79
C ILE B 176 -8.89 6.23 29.44
N LEU B 177 -9.37 7.35 28.90
CA LEU B 177 -8.93 7.80 27.58
C LEU B 177 -8.38 9.21 27.68
N MET B 178 -7.10 9.37 27.33
CA MET B 178 -6.50 10.69 27.22
C MET B 178 -6.66 11.19 25.79
N LYS B 179 -7.34 12.32 25.64
CA LYS B 179 -7.59 12.94 24.33
C LYS B 179 -6.79 14.23 24.24
N TYR B 180 -5.99 14.33 23.18
CA TYR B 180 -5.14 15.47 22.89
C TYR B 180 -5.60 16.16 21.60
N GLN B 181 -5.49 17.48 21.59
CA GLN B 181 -5.89 18.26 20.42
C GLN B 181 -4.99 17.92 19.22
N PRO B 182 -5.54 17.71 18.03
CA PRO B 182 -4.70 17.69 16.83
C PRO B 182 -4.17 19.09 16.53
N LEU B 183 -2.87 19.18 16.32
CA LEU B 183 -2.24 20.46 16.03
C LEU B 183 -2.33 20.78 14.55
N GLN B 184 -2.33 22.08 14.25
CA GLN B 184 -2.21 22.52 12.88
C GLN B 184 -0.73 22.65 12.53
N ILE B 185 -0.45 22.63 11.23
CA ILE B 185 0.96 22.63 10.79
C ILE B 185 1.66 23.89 11.26
N GLY B 186 0.95 25.01 11.32
CA GLY B 186 1.53 26.22 11.86
C GLY B 186 2.06 26.05 13.27
N GLU B 187 1.29 25.37 14.12
CA GLU B 187 1.72 25.15 15.50
C GLU B 187 2.94 24.26 15.58
N ILE B 188 2.93 23.14 14.86
CA ILE B 188 4.08 22.24 14.87
C ILE B 188 5.33 22.99 14.38
N GLU B 189 5.15 23.82 13.36
CA GLU B 189 6.27 24.60 12.84
C GLU B 189 6.79 25.57 13.88
N ALA B 190 5.90 26.36 14.49
CA ALA B 190 6.31 27.25 15.57
C ALA B 190 7.14 26.48 16.61
N VAL B 191 6.63 25.32 17.03
CA VAL B 191 7.33 24.50 18.01
C VAL B 191 8.76 24.25 17.56
N VAL B 192 8.93 23.70 16.36
CA VAL B 192 10.28 23.38 15.88
C VAL B 192 11.12 24.64 15.78
N GLN B 193 10.51 25.78 15.48
CA GLN B 193 11.25 27.02 15.34
C GLN B 193 11.79 27.50 16.69
N ARG B 194 11.13 27.14 17.79
CA ARG B 194 11.64 27.48 19.10
C ARG B 194 12.55 26.40 19.68
N GLY B 195 13.00 25.45 18.86
CA GLY B 195 13.85 24.38 19.37
C GLY B 195 13.15 23.38 20.28
N GLN B 196 11.82 23.44 20.38
CA GLN B 196 11.08 22.54 21.24
C GLN B 196 10.53 21.37 20.43
N THR B 197 9.95 20.41 21.14
CA THR B 197 9.35 19.24 20.52
C THR B 197 8.07 18.89 21.28
N VAL B 198 7.13 18.29 20.56
CA VAL B 198 5.92 17.77 21.19
C VAL B 198 6.29 16.41 21.79
N PRO B 199 5.56 15.92 22.78
CA PRO B 199 5.84 14.58 23.28
C PRO B 199 5.57 13.52 22.22
N ALA B 200 6.28 12.40 22.33
CA ALA B 200 6.12 11.31 21.38
C ALA B 200 4.70 10.76 21.40
N GLY B 201 4.28 10.24 20.25
CA GLY B 201 3.05 9.46 20.17
C GLY B 201 1.76 10.26 20.30
N VAL B 202 1.79 11.55 19.92
CA VAL B 202 0.62 12.40 20.03
C VAL B 202 0.19 12.95 18.67
N THR B 203 1.14 13.42 17.86
CA THR B 203 0.82 13.82 16.50
C THR B 203 0.67 12.59 15.63
N ARG B 204 -0.25 12.67 14.66
CA ARG B 204 -0.49 11.56 13.74
C ARG B 204 -0.64 12.11 12.33
N PHE B 205 0.35 11.88 11.47
CA PHE B 205 0.25 12.32 10.10
C PHE B 205 -0.36 11.23 9.23
N ASN B 206 -1.42 11.58 8.52
CA ASN B 206 -2.07 10.68 7.57
C ASN B 206 -1.60 11.09 6.17
N ILE B 207 -0.74 10.26 5.58
CA ILE B 207 0.02 10.62 4.39
C ILE B 207 -0.34 9.66 3.28
N ALA B 208 -0.70 10.22 2.12
CA ALA B 208 -0.98 9.44 0.93
C ALA B 208 0.21 9.52 -0.01
N GLY B 209 0.57 8.38 -0.60
CA GLY B 209 1.70 8.33 -1.49
C GLY B 209 3.04 8.05 -0.85
N ARG B 210 3.06 7.44 0.33
CA ARG B 210 4.33 7.01 0.92
C ARG B 210 5.05 6.08 -0.07
N CYS B 211 6.33 6.34 -0.29
CA CYS B 211 7.18 5.42 -1.01
C CYS B 211 7.78 4.41 -0.04
N LEU B 212 7.62 3.12 -0.34
CA LEU B 212 7.93 2.04 0.59
C LEU B 212 8.95 1.07 0.00
N ASN B 213 9.82 0.57 0.88
CA ASN B 213 10.74 -0.52 0.56
C ASN B 213 11.81 -0.08 -0.44
N LEU B 214 12.26 1.17 -0.28
CA LEU B 214 13.33 1.67 -1.15
C LEU B 214 14.65 0.95 -0.87
N GLN B 215 14.88 0.59 0.39
CA GLN B 215 16.08 -0.15 0.81
C GLN B 215 17.36 0.55 0.32
N VAL B 216 17.54 1.78 0.81
CA VAL B 216 18.74 2.56 0.46
C VAL B 216 19.95 1.92 1.12
N PRO B 217 21.01 1.58 0.39
CA PRO B 217 22.20 1.03 1.04
C PRO B 217 22.90 2.09 1.89
N LEU B 218 23.38 1.67 3.05
CA LEU B 218 23.96 2.62 3.99
C LEU B 218 25.25 3.24 3.44
N HIS B 219 25.96 2.53 2.56
N HIS B 219 25.95 2.51 2.57
CA HIS B 219 27.21 3.06 2.03
CA HIS B 219 27.18 3.02 1.97
C HIS B 219 27.01 4.33 1.20
C HIS B 219 26.99 4.37 1.29
N LEU B 220 25.77 4.65 0.81
CA LEU B 220 25.50 5.88 0.08
C LEU B 220 25.31 7.10 0.98
N LEU B 221 25.25 6.92 2.30
CA LEU B 221 24.87 8.00 3.19
C LEU B 221 26.00 8.53 4.06
N LYS B 222 27.23 8.02 3.89
CA LYS B 222 28.33 8.39 4.77
C LYS B 222 29.11 9.60 4.27
N ASN B 223 29.24 9.76 2.95
CA ASN B 223 29.96 10.89 2.36
C ASN B 223 29.02 11.67 1.47
N SER B 224 28.88 12.96 1.75
CA SER B 224 27.92 13.84 1.06
C SER B 224 28.66 14.67 0.03
N ASN B 225 28.89 14.06 -1.14
CA ASN B 225 29.61 14.71 -2.22
C ASN B 225 28.80 14.58 -3.50
N LEU B 226 28.88 15.61 -4.34
CA LEU B 226 28.15 15.60 -5.61
C LEU B 226 28.40 14.29 -6.37
N GLY B 227 29.62 13.77 -6.29
CA GLY B 227 29.90 12.48 -6.90
C GLY B 227 29.12 11.33 -6.33
N ASN B 228 28.58 11.49 -5.11
CA ASN B 228 27.66 10.51 -4.56
C ASN B 228 26.30 10.61 -5.24
N GLN B 229 25.87 11.82 -5.55
CA GLN B 229 24.53 12.03 -6.11
C GLN B 229 24.31 11.18 -7.34
N GLU B 230 25.29 11.14 -8.25
CA GLU B 230 25.17 10.29 -9.42
C GLU B 230 24.78 8.87 -9.02
N GLN B 231 25.58 8.25 -8.15
CA GLN B 231 25.23 6.93 -7.64
C GLN B 231 23.78 6.93 -7.18
N TRP B 232 23.43 7.86 -6.30
CA TRP B 232 22.07 7.98 -5.81
C TRP B 232 21.08 7.94 -6.98
N HIS B 233 21.26 8.85 -7.94
CA HIS B 233 20.31 8.90 -9.05
C HIS B 233 20.28 7.58 -9.78
N THR B 234 21.45 7.00 -10.06
CA THR B 234 21.47 5.65 -10.64
C THR B 234 20.62 4.73 -9.79
N PHE B 235 21.00 4.57 -8.52
CA PHE B 235 20.22 3.75 -7.59
C PHE B 235 18.74 4.02 -7.81
N LEU B 236 18.34 5.29 -7.76
CA LEU B 236 16.93 5.61 -7.76
C LEU B 236 16.27 5.10 -9.03
N GLN B 237 16.87 5.38 -10.18
CA GLN B 237 16.23 5.01 -11.44
C GLN B 237 16.08 3.50 -11.54
N LYS B 238 16.98 2.74 -10.92
CA LYS B 238 16.82 1.31 -10.91
C LYS B 238 15.59 0.93 -10.08
N LYS B 239 15.52 1.43 -8.84
CA LYS B 239 14.42 1.06 -7.96
C LYS B 239 13.07 1.40 -8.56
N ILE B 240 12.97 2.56 -9.24
CA ILE B 240 11.67 2.97 -9.77
C ILE B 240 11.16 1.97 -10.79
N GLU B 241 12.06 1.27 -11.48
CA GLU B 241 11.55 0.34 -12.48
C GLU B 241 10.86 -0.87 -11.85
N SER B 242 10.95 -1.02 -10.53
CA SER B 242 10.18 -2.03 -9.80
C SER B 242 9.09 -1.41 -8.94
N MET B 243 8.74 -0.15 -9.20
CA MET B 243 7.78 0.56 -8.37
C MET B 243 6.37 0.32 -8.88
N ARG B 244 5.43 0.21 -7.94
CA ARG B 244 4.04 -0.02 -8.28
C ARG B 244 3.13 0.70 -7.28
N CYS B 245 2.09 1.33 -7.82
CA CYS B 245 1.15 2.09 -7.02
C CYS B 245 -0.01 1.21 -6.59
N TYR B 246 -0.34 1.25 -5.30
CA TYR B 246 -1.50 0.56 -4.75
C TYR B 246 -2.41 1.59 -4.11
N THR B 247 -3.66 1.64 -4.57
CA THR B 247 -4.60 2.67 -4.14
C THR B 247 -5.60 2.17 -3.11
N GLU B 248 -5.69 0.86 -2.88
CA GLU B 248 -6.52 0.32 -1.82
C GLU B 248 -5.64 -0.17 -0.67
N LYS B 249 -6.29 -0.39 0.46
CA LYS B 249 -5.61 -0.90 1.64
C LYS B 249 -4.81 -2.17 1.31
N ILE B 250 -3.57 -2.21 1.78
CA ILE B 250 -2.68 -3.34 1.57
C ILE B 250 -2.19 -3.85 2.91
N TYR B 251 -1.84 -5.13 2.95
CA TYR B 251 -1.13 -5.74 4.07
C TYR B 251 0.23 -6.14 3.53
N LEU B 252 1.25 -5.37 3.90
CA LEU B 252 2.60 -5.54 3.38
C LEU B 252 3.44 -6.32 4.37
N ILE B 253 4.12 -7.36 3.88
CA ILE B 253 5.08 -8.11 4.68
C ILE B 253 6.42 -7.39 4.53
N GLU B 254 6.85 -6.74 5.60
CA GLU B 254 8.06 -5.92 5.57
C GLU B 254 9.25 -6.76 6.04
N ALA B 255 9.58 -7.74 5.21
CA ALA B 255 10.65 -8.69 5.49
C ALA B 255 10.95 -9.44 4.21
N GLU B 256 12.08 -10.14 4.20
CA GLU B 256 12.45 -10.99 3.08
C GLU B 256 13.11 -12.27 3.58
C FMT C . -6.31 -2.96 -6.14
O1 FMT C . -6.92 -3.74 -6.85
O2 FMT C . -5.11 -2.74 -6.32
H FMT C . -6.81 -2.42 -5.33
C FMT D . -0.18 -12.30 -13.10
O1 FMT D . -1.10 -11.98 -13.83
O2 FMT D . 0.20 -11.55 -12.19
H FMT D . 0.30 -13.26 -13.27
C FMT E . -0.87 6.68 6.65
O1 FMT E . -0.40 5.75 6.01
O2 FMT E . -0.33 7.79 6.69
H FMT E . -1.81 6.57 7.21
#